data_2ZQO
#
_entry.id   2ZQO
#
_cell.length_a   123.210
_cell.length_b   34.747
_cell.length_c   61.586
_cell.angle_alpha   90.00
_cell.angle_beta   104.20
_cell.angle_gamma   90.00
#
_symmetry.space_group_name_H-M   'C 1 2 1'
#
loop_
_entity.id
_entity.type
_entity.pdbx_description
1 polymer '29-kDa galactose-binding lectin'
2 non-polymer 2-acetamido-2-deoxy-beta-D-galactopyranose
3 non-polymer 'CADMIUM ION'
4 non-polymer 'PHOSPHATE ION'
5 non-polymer IMIDAZOLE
6 water water
#
_entity_poly.entity_id   1
_entity_poly.type   'polypeptide(L)'
_entity_poly.pdbx_seq_one_letter_code
;PKFFYIKSELNGKVLDIEGQNPAPGSKIITWDQKKGPTAVNQLWYTDQQGVIRSKLNDFAIDASHEQIETQPFDPNNPKR
AWIVSGNTIAQLSDRDIVLDIIKSDKEAGAHICAWKQHGGPNQKFIIESE
;
_entity_poly.pdbx_strand_id   A,B
#
loop_
_chem_comp.id
_chem_comp.type
_chem_comp.name
_chem_comp.formula
CD non-polymer 'CADMIUM ION' 'Cd 2'
IMD non-polymer IMIDAZOLE 'C3 H5 N2 1'
NGA D-saccharide, beta linking 2-acetamido-2-deoxy-beta-D-galactopyranose 'C8 H15 N O6'
PO4 non-polymer 'PHOSPHATE ION' 'O4 P -3'
#
# COMPACT_ATOMS: atom_id res chain seq x y z
N PRO A 1 5.02 11.65 23.93
CA PRO A 1 6.45 11.80 24.21
C PRO A 1 7.09 12.74 23.21
N LYS A 2 8.41 12.63 22.99
CA LYS A 2 9.10 13.47 22.01
C LYS A 2 9.07 12.80 20.63
N PHE A 3 8.68 13.55 19.60
CA PHE A 3 8.41 12.93 18.31
C PHE A 3 9.58 13.15 17.37
N PHE A 4 9.74 12.22 16.43
CA PHE A 4 10.83 12.33 15.44
C PHE A 4 10.47 11.71 14.11
N TYR A 5 11.19 12.16 13.08
CA TYR A 5 11.24 11.51 11.77
C TYR A 5 12.34 10.45 11.73
N ILE A 6 12.13 9.42 10.92
CA ILE A 6 13.14 8.42 10.66
C ILE A 6 13.51 8.62 9.20
N LYS A 7 14.67 9.21 9.01
CA LYS A 7 15.11 9.72 7.70
C LYS A 7 16.21 8.89 7.01
N SER A 8 15.93 8.43 5.80
CA SER A 8 16.86 7.58 5.07
C SER A 8 18.16 8.28 4.71
N GLU A 9 19.28 7.65 5.04
CA GLU A 9 20.58 8.09 4.53
C GLU A 9 20.76 7.87 3.02
N LEU A 10 19.98 6.94 2.46
CA LEU A 10 20.05 6.64 1.03
C LEU A 10 19.62 7.85 0.15
N ASN A 11 18.43 8.40 0.49
CA ASN A 11 17.81 9.46 -0.31
C ASN A 11 17.13 10.62 0.44
N GLY A 12 17.28 10.66 1.77
CA GLY A 12 16.71 11.77 2.56
C GLY A 12 15.19 11.71 2.71
N LYS A 13 14.54 10.72 2.07
CA LYS A 13 13.09 10.54 2.26
C LYS A 13 12.86 9.92 3.65
N VAL A 14 11.64 10.03 4.16
CA VAL A 14 11.37 9.56 5.53
C VAL A 14 10.38 8.41 5.55
N LEU A 15 10.40 7.63 6.64
CA LEU A 15 9.36 6.59 6.82
C LEU A 15 8.00 7.23 7.03
N ASP A 16 7.00 6.64 6.37
CA ASP A 16 5.70 7.29 6.16
C ASP A 16 4.62 6.22 6.17
N ILE A 17 3.55 6.38 6.99
CA ILE A 17 2.44 5.44 6.86
C ILE A 17 1.62 5.83 5.64
N GLU A 18 1.64 4.97 4.62
CA GLU A 18 1.08 5.25 3.30
C GLU A 18 -0.37 5.74 3.38
N GLY A 19 -0.59 6.90 2.75
CA GLY A 19 -1.85 7.59 2.70
C GLY A 19 -2.41 8.06 4.03
N GLN A 20 -1.55 8.18 5.04
CA GLN A 20 -2.01 8.54 6.39
C GLN A 20 -3.10 7.61 6.89
N ASN A 21 -3.01 6.34 6.51
CA ASN A 21 -4.08 5.39 6.76
C ASN A 21 -3.91 4.87 8.19
N PRO A 22 -4.92 5.07 9.04
CA PRO A 22 -4.93 4.62 10.44
C PRO A 22 -5.22 3.11 10.64
N ALA A 23 -5.54 2.40 9.56
CA ALA A 23 -5.94 0.99 9.66
C ALA A 23 -4.74 0.10 9.91
N PRO A 24 -4.94 -1.02 10.66
CA PRO A 24 -3.89 -2.07 10.69
C PRO A 24 -3.57 -2.56 9.28
N GLY A 25 -2.30 -2.86 9.05
CA GLY A 25 -1.84 -3.38 7.79
C GLY A 25 -1.49 -2.32 6.75
N SER A 26 -1.54 -1.04 7.13
CA SER A 26 -1.14 0.02 6.19
C SER A 26 0.36 -0.07 5.97
N LYS A 27 0.79 0.06 4.71
CA LYS A 27 2.21 -0.08 4.41
C LYS A 27 3.04 1.07 4.94
N ILE A 28 4.24 0.76 5.42
CA ILE A 28 5.16 1.83 5.79
C ILE A 28 6.14 1.95 4.62
N ILE A 29 6.17 3.15 4.02
CA ILE A 29 6.90 3.42 2.76
C ILE A 29 7.89 4.59 2.98
N THR A 30 8.73 4.88 1.99
CA THR A 30 9.48 6.13 1.99
C THR A 30 8.65 7.22 1.31
N TRP A 31 8.85 8.46 1.75
CA TRP A 31 8.10 9.59 1.17
C TRP A 31 8.85 10.88 1.45
N ASP A 32 8.64 11.91 0.61
CA ASP A 32 9.26 13.20 0.87
C ASP A 32 8.78 13.73 2.21
N GLN A 33 9.71 14.27 2.99
CA GLN A 33 9.39 14.85 4.29
C GLN A 33 8.37 15.99 4.23
N LYS A 34 7.37 15.89 5.11
CA LYS A 34 6.36 16.93 5.31
C LYS A 34 6.52 17.53 6.72
N LYS A 35 6.08 18.77 6.86
CA LYS A 35 6.03 19.48 8.16
C LYS A 35 4.62 19.98 8.42
N GLY A 36 4.27 20.14 9.71
CA GLY A 36 2.94 20.62 10.08
C GLY A 36 2.08 19.48 10.58
N PRO A 37 0.78 19.75 10.81
CA PRO A 37 -0.17 18.75 11.30
C PRO A 37 -0.26 17.48 10.42
N THR A 38 -0.25 17.66 9.09
CA THR A 38 -0.37 16.54 8.16
C THR A 38 0.81 15.56 8.20
N ALA A 39 1.91 15.98 8.83
CA ALA A 39 3.06 15.12 9.01
C ALA A 39 2.92 14.01 10.07
N VAL A 40 1.73 13.86 10.67
CA VAL A 40 1.58 12.91 11.77
C VAL A 40 1.94 11.48 11.35
N ASN A 41 1.63 11.11 10.11
CA ASN A 41 1.97 9.77 9.59
C ASN A 41 3.47 9.60 9.24
N GLN A 42 4.28 10.63 9.52
CA GLN A 42 5.73 10.52 9.35
C GLN A 42 6.43 10.74 10.68
N LEU A 43 5.65 10.77 11.77
CA LEU A 43 6.20 11.03 13.10
C LEU A 43 6.05 9.81 14.01
N TRP A 44 7.06 9.64 14.87
CA TRP A 44 7.28 8.43 15.64
C TRP A 44 7.77 8.84 17.03
N TYR A 45 7.59 7.96 18.01
CA TYR A 45 8.13 8.12 19.34
C TYR A 45 8.52 6.77 19.88
N THR A 46 9.35 6.76 20.92
CA THR A 46 9.68 5.49 21.57
C THR A 46 8.87 5.36 22.86
N ASP A 47 8.29 4.17 23.06
CA ASP A 47 7.48 3.88 24.27
C ASP A 47 8.42 3.64 25.45
N GLN A 48 7.88 3.13 26.54
CA GLN A 48 8.66 2.92 27.76
C GLN A 48 9.76 1.88 27.57
N GLN A 49 9.51 0.91 26.67
CA GLN A 49 10.44 -0.17 26.32
C GLN A 49 11.44 0.21 25.22
N GLY A 50 11.38 1.47 24.77
CA GLY A 50 12.24 1.94 23.66
C GLY A 50 11.69 1.56 22.30
N VAL A 51 10.49 0.97 22.31
CA VAL A 51 9.87 0.45 21.09
C VAL A 51 9.19 1.58 20.32
N ILE A 52 9.48 1.63 19.01
CA ILE A 52 8.95 2.66 18.14
C ILE A 52 7.45 2.53 17.89
N ARG A 53 6.74 3.66 18.00
CA ARG A 53 5.32 3.72 17.77
C ARG A 53 5.02 4.95 16.90
N SER A 54 3.94 4.88 16.15
CA SER A 54 3.52 5.98 15.31
C SER A 54 2.77 7.03 16.09
N LYS A 55 3.05 8.33 15.80
CA LYS A 55 2.22 9.42 16.35
C LYS A 55 0.75 9.32 15.89
N LEU A 56 0.51 8.76 14.69
CA LEU A 56 -0.85 8.66 14.13
C LEU A 56 -1.87 7.90 15.00
N ASN A 57 -1.53 6.67 15.39
CA ASN A 57 -2.46 5.77 16.04
C ASN A 57 -1.79 4.93 17.11
N ASP A 58 -0.55 5.28 17.46
CA ASP A 58 0.26 4.53 18.42
C ASP A 58 0.60 3.10 18.02
N PHE A 59 0.46 2.81 16.72
CA PHE A 59 0.78 1.46 16.20
C PHE A 59 2.28 1.18 16.17
N ALA A 60 2.63 -0.09 16.29
CA ALA A 60 4.02 -0.53 16.13
C ALA A 60 4.37 -0.69 14.65
N ILE A 61 5.66 -0.80 14.36
CA ILE A 61 6.14 -1.29 13.09
C ILE A 61 6.03 -2.83 13.17
N ASP A 62 5.46 -3.46 12.14
CA ASP A 62 5.30 -4.92 12.10
C ASP A 62 6.03 -5.53 10.91
N ALA A 63 6.83 -6.58 11.16
CA ALA A 63 7.58 -7.23 10.09
C ALA A 63 7.18 -8.71 9.90
N SER A 64 5.89 -9.01 10.11
CA SER A 64 5.37 -10.38 9.97
C SER A 64 5.29 -10.84 8.52
N HIS A 65 5.16 -9.90 7.59
CA HIS A 65 5.04 -10.21 6.16
C HIS A 65 6.33 -9.81 5.45
N GLU A 66 6.39 -9.94 4.12
CA GLU A 66 7.60 -9.56 3.36
C GLU A 66 7.90 -8.09 3.48
N GLN A 67 6.86 -7.24 3.43
CA GLN A 67 7.04 -5.81 3.58
C GLN A 67 6.55 -5.35 4.95
N ILE A 68 7.14 -4.29 5.48
CA ILE A 68 6.65 -3.76 6.75
C ILE A 68 5.31 -3.02 6.66
N GLU A 69 4.53 -3.14 7.74
CA GLU A 69 3.26 -2.46 7.84
C GLU A 69 3.00 -2.09 9.30
N THR A 70 1.97 -1.28 9.55
CA THR A 70 1.55 -0.92 10.92
C THR A 70 0.65 -1.98 11.53
N GLN A 71 0.86 -2.23 12.82
CA GLN A 71 0.01 -3.10 13.59
C GLN A 71 -0.03 -2.59 15.02
N PRO A 72 -1.14 -2.82 15.70
CA PRO A 72 -1.14 -2.41 17.11
C PRO A 72 0.00 -3.11 17.84
N PHE A 73 0.66 -2.39 18.75
CA PHE A 73 1.76 -2.96 19.52
C PHE A 73 1.31 -4.15 20.37
N ASP A 74 2.07 -5.24 20.31
CA ASP A 74 1.83 -6.35 21.19
C ASP A 74 3.20 -6.76 21.69
N PRO A 75 3.42 -6.66 23.02
CA PRO A 75 4.77 -6.99 23.53
C PRO A 75 5.18 -8.46 23.38
N ASN A 76 4.24 -9.32 22.98
CA ASN A 76 4.54 -10.74 22.79
C ASN A 76 4.91 -11.16 21.35
N ASN A 77 4.84 -10.20 20.42
CA ASN A 77 5.15 -10.42 19.01
C ASN A 77 6.52 -9.77 18.70
N PRO A 78 7.61 -10.55 18.69
CA PRO A 78 8.97 -10.01 18.50
C PRO A 78 9.13 -9.18 17.21
N LYS A 79 8.30 -9.46 16.22
CA LYS A 79 8.42 -8.72 14.95
C LYS A 79 7.69 -7.38 14.97
N ARG A 80 7.15 -6.97 16.14
CA ARG A 80 6.55 -5.63 16.34
C ARG A 80 7.34 -4.69 17.27
N ALA A 81 8.54 -5.16 17.66
CA ALA A 81 9.41 -4.42 18.59
C ALA A 81 10.65 -3.97 17.84
N TRP A 82 10.65 -2.72 17.42
CA TRP A 82 11.75 -2.11 16.65
C TRP A 82 12.23 -0.96 17.51
N ILE A 83 13.53 -0.78 17.55
CA ILE A 83 14.17 0.20 18.42
C ILE A 83 15.18 0.99 17.62
N VAL A 84 15.62 2.13 18.14
CA VAL A 84 16.64 2.92 17.44
C VAL A 84 17.98 2.43 17.97
N SER A 85 18.85 2.03 17.05
CA SER A 85 20.14 1.44 17.38
C SER A 85 21.19 2.09 16.48
N GLY A 86 21.82 3.14 16.99
CA GLY A 86 22.76 3.96 16.19
C GLY A 86 22.00 4.56 15.04
N ASN A 87 22.54 4.38 13.83
CA ASN A 87 21.81 4.81 12.66
C ASN A 87 21.05 3.67 12.00
N THR A 88 20.59 2.70 12.79
CA THR A 88 19.73 1.65 12.25
C THR A 88 18.43 1.52 13.08
N ILE A 89 17.41 0.93 12.46
CA ILE A 89 16.16 0.61 13.16
C ILE A 89 16.18 -0.92 13.26
N ALA A 90 16.39 -1.39 14.49
CA ALA A 90 16.79 -2.78 14.76
C ALA A 90 15.68 -3.51 15.51
N GLN A 91 15.55 -4.82 15.28
CA GLN A 91 14.60 -5.63 16.03
C GLN A 91 15.09 -5.76 17.47
N LEU A 92 14.23 -5.45 18.43
CA LEU A 92 14.63 -5.48 19.86
C LEU A 92 15.32 -6.81 20.25
N SER A 93 14.79 -7.93 19.76
CA SER A 93 15.28 -9.27 20.16
C SER A 93 16.43 -9.76 19.29
N ASP A 94 16.66 -9.08 18.18
CA ASP A 94 17.78 -9.44 17.32
C ASP A 94 18.30 -8.19 16.63
N ARG A 95 19.34 -7.63 17.22
CA ARG A 95 19.82 -6.32 16.80
C ARG A 95 20.50 -6.38 15.44
N ASP A 96 20.80 -7.60 14.97
CA ASP A 96 21.38 -7.71 13.62
C ASP A 96 20.33 -7.72 12.50
N ILE A 97 19.06 -7.79 12.86
CA ILE A 97 17.98 -7.65 11.89
C ILE A 97 17.52 -6.19 11.90
N VAL A 98 17.55 -5.55 10.75
CA VAL A 98 17.30 -4.10 10.68
C VAL A 98 16.32 -3.75 9.58
N LEU A 99 15.72 -2.56 9.64
CA LEU A 99 14.85 -2.10 8.56
C LEU A 99 15.69 -1.78 7.30
N ASP A 100 15.09 -1.97 6.13
CA ASP A 100 15.86 -2.03 4.89
C ASP A 100 14.93 -1.59 3.76
N ILE A 101 15.32 -0.54 3.03
CA ILE A 101 14.54 -0.12 1.84
C ILE A 101 14.82 -1.14 0.76
N ILE A 102 13.77 -1.83 0.33
CA ILE A 102 13.87 -3.00 -0.58
C ILE A 102 14.60 -2.63 -1.90
N LYS A 103 15.66 -3.35 -2.19
CA LYS A 103 16.43 -3.20 -3.47
C LYS A 103 17.03 -1.81 -3.62
N SER A 104 17.16 -1.09 -2.48
CA SER A 104 17.63 0.29 -2.46
C SER A 104 16.83 1.21 -3.38
N ASP A 105 15.55 0.92 -3.53
CA ASP A 105 14.63 1.72 -4.36
C ASP A 105 14.62 3.17 -3.87
N LYS A 106 15.05 4.09 -4.74
CA LYS A 106 15.22 5.51 -4.36
C LYS A 106 13.95 6.35 -4.59
N GLU A 107 12.92 5.74 -5.18
CA GLU A 107 11.74 6.46 -5.60
C GLU A 107 10.81 6.55 -4.39
N ALA A 108 9.96 7.57 -4.39
CA ALA A 108 8.96 7.75 -3.34
C ALA A 108 7.99 6.58 -3.39
N GLY A 109 7.48 6.16 -2.25
CA GLY A 109 6.54 5.04 -2.26
C GLY A 109 7.19 3.68 -2.06
N ALA A 110 8.51 3.64 -1.94
CA ALA A 110 9.26 2.40 -1.80
C ALA A 110 8.93 1.68 -0.51
N HIS A 111 8.93 0.36 -0.60
CA HIS A 111 8.61 -0.51 0.55
C HIS A 111 9.86 -0.86 1.34
N ILE A 112 9.63 -1.28 2.57
CA ILE A 112 10.74 -1.54 3.50
C ILE A 112 10.60 -2.99 3.95
N CYS A 113 11.73 -3.66 4.17
CA CYS A 113 11.70 -5.03 4.70
C CYS A 113 12.58 -5.15 5.94
N ALA A 114 12.56 -6.32 6.60
CA ALA A 114 13.55 -6.66 7.60
C ALA A 114 14.62 -7.53 6.91
N TRP A 115 15.87 -7.17 7.14
CA TRP A 115 17.00 -7.85 6.54
C TRP A 115 18.16 -7.87 7.52
N LYS A 116 19.08 -8.83 7.36
CA LYS A 116 20.27 -8.82 8.21
C LYS A 116 21.15 -7.60 7.87
N GLN A 117 21.67 -6.96 8.91
CA GLN A 117 22.49 -5.75 8.76
C GLN A 117 23.71 -6.08 7.85
N HIS A 118 23.94 -5.25 6.83
CA HIS A 118 25.12 -5.39 5.96
C HIS A 118 25.87 -4.11 5.64
N GLY A 119 25.48 -3.02 6.27
CA GLY A 119 26.22 -1.75 6.12
C GLY A 119 25.89 -0.90 4.90
N GLY A 120 24.94 -1.36 4.07
CA GLY A 120 24.48 -0.57 2.92
C GLY A 120 23.66 0.64 3.38
N PRO A 121 23.70 1.75 2.60
CA PRO A 121 22.96 2.94 2.99
C PRO A 121 21.43 2.75 3.04
N ASN A 122 20.91 1.70 2.40
CA ASN A 122 19.49 1.41 2.39
C ASN A 122 18.96 0.91 3.75
N GLN A 123 19.86 0.67 4.70
CA GLN A 123 19.56 0.26 6.05
C GLN A 123 19.91 1.36 7.11
N LYS A 124 20.38 2.51 6.65
CA LYS A 124 20.87 3.58 7.53
C LYS A 124 19.85 4.71 7.59
N PHE A 125 19.61 5.18 8.82
CA PHE A 125 18.60 6.19 9.10
C PHE A 125 19.11 7.25 10.09
N ILE A 126 18.68 8.48 9.85
CA ILE A 126 18.94 9.67 10.69
C ILE A 126 17.65 9.90 11.49
N ILE A 127 17.80 10.09 12.79
CA ILE A 127 16.67 10.44 13.65
C ILE A 127 16.60 11.96 13.72
N GLU A 128 15.49 12.53 13.27
CA GLU A 128 15.30 13.96 13.23
C GLU A 128 14.08 14.40 14.09
N SER A 129 14.37 15.16 15.14
CA SER A 129 13.34 15.69 16.01
C SER A 129 12.32 16.46 15.17
N GLU A 130 11.06 16.40 15.62
CA GLU A 130 9.92 16.98 14.94
C GLU A 130 10.08 18.45 14.58
N PRO B 1 -24.36 -12.07 -6.66
CA PRO B 1 -23.89 -11.77 -8.01
C PRO B 1 -22.95 -12.85 -8.50
N LYS B 2 -22.54 -12.79 -9.77
CA LYS B 2 -21.46 -13.66 -10.24
C LYS B 2 -20.15 -12.89 -10.24
N PHE B 3 -19.11 -13.56 -9.79
CA PHE B 3 -17.87 -12.89 -9.43
C PHE B 3 -16.84 -13.10 -10.53
N PHE B 4 -15.96 -12.13 -10.72
CA PHE B 4 -14.90 -12.24 -11.72
C PHE B 4 -13.58 -11.66 -11.23
N TYR B 5 -12.51 -12.13 -11.86
CA TYR B 5 -11.20 -11.50 -11.83
C TYR B 5 -11.10 -10.41 -12.92
N ILE B 6 -10.28 -9.40 -12.67
CA ILE B 6 -9.96 -8.39 -13.66
C ILE B 6 -8.47 -8.60 -13.95
N LYS B 7 -8.19 -9.17 -15.10
CA LYS B 7 -6.86 -9.67 -15.45
C LYS B 7 -6.16 -8.83 -16.50
N SER B 8 -4.95 -8.40 -16.20
CA SER B 8 -4.18 -7.54 -17.08
C SER B 8 -3.74 -8.26 -18.38
N GLU B 9 -4.07 -7.67 -19.52
CA GLU B 9 -3.48 -8.08 -20.81
C GLU B 9 -1.96 -7.83 -20.88
N LEU B 10 -1.45 -6.91 -20.06
CA LEU B 10 -0.02 -6.60 -20.06
C LEU B 10 0.84 -7.80 -19.59
N ASN B 11 0.46 -8.36 -18.44
CA ASN B 11 1.26 -9.41 -17.80
C ASN B 11 0.48 -10.56 -17.13
N GLY B 12 -0.84 -10.57 -17.34
CA GLY B 12 -1.69 -11.65 -16.83
C GLY B 12 -1.90 -11.62 -15.33
N LYS B 13 -1.34 -10.61 -14.64
CA LYS B 13 -1.60 -10.48 -13.22
C LYS B 13 -3.03 -9.93 -13.05
N VAL B 14 -3.59 -10.06 -11.86
CA VAL B 14 -4.97 -9.60 -11.65
C VAL B 14 -5.07 -8.46 -10.63
N LEU B 15 -6.16 -7.68 -10.69
CA LEU B 15 -6.41 -6.65 -9.66
C LEU B 15 -6.62 -7.31 -8.31
N ASP B 16 -6.01 -6.72 -7.28
CA ASP B 16 -5.86 -7.35 -5.96
C ASP B 16 -5.92 -6.27 -4.88
N ILE B 17 -6.78 -6.43 -3.87
CA ILE B 17 -6.72 -5.51 -2.75
C ILE B 17 -5.56 -5.92 -1.85
N GLU B 18 -4.55 -5.05 -1.78
CA GLU B 18 -3.26 -5.32 -1.17
C GLU B 18 -3.39 -5.85 0.25
N GLY B 19 -2.77 -7.02 0.46
CA GLY B 19 -2.72 -7.72 1.76
C GLY B 19 -4.07 -8.21 2.24
N GLN B 20 -5.03 -8.32 1.32
CA GLN B 20 -6.43 -8.69 1.69
C GLN B 20 -7.02 -7.77 2.74
N ASN B 21 -6.61 -6.50 2.72
CA ASN B 21 -6.96 -5.53 3.74
C ASN B 21 -8.40 -5.04 3.53
N PRO B 22 -9.32 -5.36 4.46
CA PRO B 22 -10.73 -5.00 4.28
C PRO B 22 -11.08 -3.53 4.60
N ALA B 23 -10.14 -2.81 5.20
CA ALA B 23 -10.44 -1.45 5.67
C ALA B 23 -10.51 -0.51 4.47
N PRO B 24 -11.19 0.65 4.61
CA PRO B 24 -11.12 1.64 3.52
C PRO B 24 -9.70 2.16 3.27
N GLY B 25 -9.44 2.49 2.01
CA GLY B 25 -8.15 3.07 1.65
C GLY B 25 -7.04 2.08 1.28
N SER B 26 -7.36 0.78 1.18
CA SER B 26 -6.34 -0.22 0.85
C SER B 26 -5.99 -0.06 -0.62
N LYS B 27 -4.71 -0.13 -0.94
CA LYS B 27 -4.33 0.04 -2.34
C LYS B 27 -4.81 -1.15 -3.19
N ILE B 28 -5.21 -0.86 -4.43
CA ILE B 28 -5.53 -1.92 -5.38
C ILE B 28 -4.31 -2.03 -6.31
N ILE B 29 -3.71 -3.22 -6.34
CA ILE B 29 -2.41 -3.47 -6.98
C ILE B 29 -2.58 -4.63 -8.01
N THR B 30 -1.55 -4.92 -8.79
CA THR B 30 -1.55 -6.14 -9.57
C THR B 30 -0.89 -7.21 -8.73
N TRP B 31 -1.34 -8.46 -8.89
CA TRP B 31 -0.74 -9.57 -8.15
C TRP B 31 -0.95 -10.85 -8.93
N ASP B 32 -0.10 -11.86 -8.69
CA ASP B 32 -0.36 -13.19 -9.30
C ASP B 32 -1.75 -13.70 -8.90
N GLN B 33 -2.45 -14.27 -9.88
CA GLN B 33 -3.77 -14.87 -9.66
C GLN B 33 -3.75 -15.98 -8.62
N LYS B 34 -4.72 -15.91 -7.69
CA LYS B 34 -4.95 -16.95 -6.69
C LYS B 34 -6.30 -17.62 -6.93
N LYS B 35 -6.47 -18.82 -6.38
CA LYS B 35 -7.75 -19.57 -6.44
C LYS B 35 -8.17 -20.02 -5.02
N GLY B 36 -9.45 -20.25 -4.83
CA GLY B 36 -9.96 -20.73 -3.54
C GLY B 36 -10.52 -19.60 -2.70
N PRO B 37 -10.78 -19.87 -1.40
CA PRO B 37 -11.31 -18.86 -0.48
C PRO B 37 -10.43 -17.62 -0.30
N THR B 38 -9.11 -17.78 -0.46
CA THR B 38 -8.19 -16.65 -0.25
C THR B 38 -8.18 -15.68 -1.44
N ALA B 39 -8.80 -16.08 -2.54
CA ALA B 39 -8.86 -15.21 -3.70
C ALA B 39 -9.92 -14.10 -3.60
N VAL B 40 -10.64 -14.01 -2.47
CA VAL B 40 -11.75 -13.08 -2.35
C VAL B 40 -11.33 -11.63 -2.62
N ASN B 41 -10.09 -11.29 -2.25
CA ASN B 41 -9.55 -9.94 -2.55
C ASN B 41 -9.12 -9.72 -4.01
N GLN B 42 -9.32 -10.71 -4.88
CA GLN B 42 -9.07 -10.55 -6.32
C GLN B 42 -10.35 -10.73 -7.12
N LEU B 43 -11.49 -10.76 -6.42
CA LEU B 43 -12.79 -11.01 -7.02
C LEU B 43 -13.69 -9.80 -6.87
N TRP B 44 -14.51 -9.61 -7.90
CA TRP B 44 -15.29 -8.42 -8.08
C TRP B 44 -16.64 -8.83 -8.62
N TYR B 45 -17.63 -7.96 -8.46
CA TYR B 45 -18.92 -8.12 -9.13
C TYR B 45 -19.45 -6.74 -9.51
N THR B 46 -20.51 -6.70 -10.29
CA THR B 46 -21.08 -5.41 -10.64
C THR B 46 -22.41 -5.23 -9.93
N ASP B 47 -22.64 -4.00 -9.41
CA ASP B 47 -23.92 -3.67 -8.76
C ASP B 47 -24.98 -3.39 -9.83
N GLN B 48 -26.15 -2.94 -9.40
CA GLN B 48 -27.27 -2.70 -10.33
C GLN B 48 -26.99 -1.67 -11.44
N GLN B 49 -26.04 -0.77 -11.20
CA GLN B 49 -25.65 0.27 -12.16
C GLN B 49 -24.48 -0.17 -13.02
N GLY B 50 -24.02 -1.41 -12.86
CA GLY B 50 -22.86 -1.90 -13.63
C GLY B 50 -21.54 -1.53 -12.96
N VAL B 51 -21.64 -0.88 -11.79
CA VAL B 51 -20.46 -0.34 -11.08
C VAL B 51 -19.75 -1.46 -10.30
N ILE B 52 -18.43 -1.55 -10.48
CA ILE B 52 -17.60 -2.62 -9.87
C ILE B 52 -17.45 -2.47 -8.35
N ARG B 53 -17.67 -3.59 -7.64
CA ARG B 53 -17.47 -3.69 -6.21
C ARG B 53 -16.60 -4.89 -5.90
N SER B 54 -15.91 -4.83 -4.77
CA SER B 54 -15.11 -5.97 -4.32
C SER B 54 -15.96 -7.06 -3.65
N LYS B 55 -15.73 -8.33 -4.01
CA LYS B 55 -16.33 -9.46 -3.25
C LYS B 55 -15.97 -9.44 -1.76
N LEU B 56 -14.83 -8.85 -1.44
CA LEU B 56 -14.31 -8.82 -0.08
C LEU B 56 -15.21 -8.08 0.90
N ASN B 57 -15.61 -6.86 0.51
CA ASN B 57 -16.28 -5.91 1.42
C ASN B 57 -17.30 -4.97 0.74
N ASP B 58 -17.62 -5.25 -0.53
CA ASP B 58 -18.56 -4.44 -1.35
C ASP B 58 -18.10 -3.01 -1.61
N PHE B 59 -16.81 -2.78 -1.40
CA PHE B 59 -16.24 -1.47 -1.63
C PHE B 59 -16.05 -1.24 -3.12
N ALA B 60 -16.12 0.03 -3.51
CA ALA B 60 -15.86 0.47 -4.87
C ALA B 60 -14.37 0.63 -5.09
N ILE B 61 -14.01 0.78 -6.37
CA ILE B 61 -12.69 1.23 -6.79
C ILE B 61 -12.74 2.76 -6.71
N ASP B 62 -11.75 3.35 -6.03
CA ASP B 62 -11.68 4.82 -5.87
C ASP B 62 -10.45 5.42 -6.57
N ALA B 63 -10.66 6.46 -7.38
CA ALA B 63 -9.54 7.11 -8.06
C ALA B 63 -9.40 8.61 -7.68
N SER B 64 -9.77 8.92 -6.44
CA SER B 64 -9.68 10.27 -5.86
C SER B 64 -8.23 10.72 -5.66
N HIS B 65 -7.29 9.76 -5.50
CA HIS B 65 -5.88 10.10 -5.30
C HIS B 65 -5.13 9.69 -6.55
N GLU B 66 -3.80 9.85 -6.55
CA GLU B 66 -2.99 9.45 -7.73
C GLU B 66 -3.11 7.96 -8.03
N GLN B 67 -3.09 7.13 -6.97
CA GLN B 67 -3.27 5.70 -7.16
C GLN B 67 -4.65 5.23 -6.68
N ILE B 68 -5.15 4.17 -7.28
CA ILE B 68 -6.46 3.67 -6.86
C ILE B 68 -6.41 2.88 -5.56
N GLU B 69 -7.53 2.93 -4.81
CA GLU B 69 -7.65 2.27 -3.55
C GLU B 69 -9.13 1.95 -3.36
N THR B 70 -9.43 1.06 -2.42
CA THR B 70 -10.83 0.74 -2.07
C THR B 70 -11.48 1.83 -1.21
N GLN B 71 -12.73 2.15 -1.53
CA GLN B 71 -13.57 3.00 -0.69
C GLN B 71 -15.03 2.53 -0.75
N PRO B 72 -15.80 2.76 0.35
CA PRO B 72 -17.24 2.53 0.27
C PRO B 72 -17.78 3.26 -0.94
N PHE B 73 -18.70 2.64 -1.68
CA PHE B 73 -19.29 3.35 -2.81
C PHE B 73 -19.94 4.67 -2.36
N ASP B 74 -19.76 5.72 -3.15
CA ASP B 74 -20.43 7.01 -2.95
C ASP B 74 -20.96 7.44 -4.31
N PRO B 75 -22.29 7.62 -4.43
CA PRO B 75 -22.92 8.00 -5.71
C PRO B 75 -22.57 9.38 -6.22
N ASN B 76 -21.96 10.19 -5.36
CA ASN B 76 -21.61 11.53 -5.73
C ASN B 76 -20.15 11.75 -5.98
N ASN B 77 -19.37 10.67 -5.83
CA ASN B 77 -17.98 10.71 -6.26
C ASN B 77 -17.89 9.95 -7.58
N PRO B 78 -17.74 10.68 -8.70
CA PRO B 78 -17.64 10.06 -10.03
C PRO B 78 -16.43 9.14 -10.12
N LYS B 79 -15.43 9.41 -9.28
CA LYS B 79 -14.20 8.66 -9.31
C LYS B 79 -14.28 7.33 -8.58
N ARG B 80 -15.48 6.98 -8.07
CA ARG B 80 -15.76 5.68 -7.44
C ARG B 80 -16.69 4.75 -8.28
N ALA B 81 -17.00 5.20 -9.51
CA ALA B 81 -17.94 4.48 -10.39
C ALA B 81 -17.19 3.99 -11.62
N TRP B 82 -16.77 2.73 -11.53
CA TRP B 82 -15.97 2.09 -12.57
C TRP B 82 -16.79 0.94 -13.13
N ILE B 83 -16.76 0.79 -14.46
CA ILE B 83 -17.57 -0.21 -15.18
C ILE B 83 -16.71 -1.00 -16.17
N VAL B 84 -17.20 -2.15 -16.64
CA VAL B 84 -16.47 -2.91 -17.66
C VAL B 84 -16.95 -2.37 -19.00
N SER B 85 -16.02 -1.90 -19.82
CA SER B 85 -16.34 -1.49 -21.18
C SER B 85 -15.35 -2.13 -22.11
N GLY B 86 -15.79 -3.17 -22.81
CA GLY B 86 -14.91 -3.95 -23.68
C GLY B 86 -13.80 -4.50 -22.82
N ASN B 87 -12.57 -4.33 -23.27
CA ASN B 87 -11.44 -4.75 -22.47
C ASN B 87 -10.85 -3.59 -21.68
N THR B 88 -11.68 -2.64 -21.27
CA THR B 88 -11.22 -1.61 -20.33
C THR B 88 -12.12 -1.51 -19.09
N ILE B 89 -11.57 -0.92 -18.02
CA ILE B 89 -12.37 -0.62 -16.82
C ILE B 89 -12.47 0.89 -16.88
N ALA B 90 -13.67 1.38 -17.18
CA ALA B 90 -13.85 2.79 -17.53
C ALA B 90 -14.70 3.53 -16.50
N GLN B 91 -14.47 4.84 -16.38
CA GLN B 91 -15.29 5.66 -15.48
C GLN B 91 -16.72 5.81 -16.02
N LEU B 92 -17.72 5.56 -15.17
CA LEU B 92 -19.11 5.57 -15.64
C LEU B 92 -19.46 6.91 -16.33
N SER B 93 -19.01 8.03 -15.75
CA SER B 93 -19.37 9.35 -16.24
C SER B 93 -18.45 9.81 -17.37
N ASP B 94 -17.33 9.12 -17.54
CA ASP B 94 -16.43 9.47 -18.64
C ASP B 94 -15.65 8.26 -19.14
N ARG B 95 -16.14 7.65 -20.22
CA ARG B 95 -15.61 6.36 -20.67
C ARG B 95 -14.23 6.44 -21.33
N ASP B 96 -13.78 7.64 -21.64
CA ASP B 96 -12.40 7.78 -22.11
C ASP B 96 -11.40 7.74 -20.96
N ILE B 97 -11.88 7.80 -19.72
CA ILE B 97 -10.96 7.69 -18.56
C ILE B 97 -11.00 6.24 -18.11
N VAL B 98 -9.86 5.56 -18.07
CA VAL B 98 -9.82 4.14 -17.81
C VAL B 98 -8.77 3.83 -16.75
N LEU B 99 -8.86 2.64 -16.18
CA LEU B 99 -7.83 2.14 -15.28
C LEU B 99 -6.53 1.79 -16.04
N ASP B 100 -5.40 1.97 -15.35
CA ASP B 100 -4.11 2.05 -16.07
C ASP B 100 -3.04 1.61 -15.08
N ILE B 101 -2.31 0.54 -15.40
CA ILE B 101 -1.14 0.14 -14.60
C ILE B 101 -0.03 1.15 -14.81
N ILE B 102 0.31 1.88 -13.74
CA ILE B 102 1.26 3.02 -13.75
C ILE B 102 2.61 2.61 -14.34
N LYS B 103 2.97 3.34 -15.40
CA LYS B 103 4.25 3.19 -16.14
C LYS B 103 4.45 1.81 -16.73
N SER B 104 3.32 1.10 -16.97
CA SER B 104 3.32 -0.31 -17.41
C SER B 104 4.23 -1.19 -16.56
N ASP B 105 4.20 -0.97 -15.26
CA ASP B 105 5.06 -1.68 -14.31
C ASP B 105 4.60 -3.14 -14.31
N LYS B 106 5.48 -4.03 -14.75
CA LYS B 106 5.12 -5.45 -14.93
C LYS B 106 5.30 -6.32 -13.67
N GLU B 107 5.86 -5.74 -12.60
CA GLU B 107 6.18 -6.49 -11.39
C GLU B 107 4.95 -6.61 -10.47
N ALA B 108 4.92 -7.65 -9.65
CA ALA B 108 3.85 -7.82 -8.66
C ALA B 108 3.78 -6.60 -7.76
N GLY B 109 2.59 -6.27 -7.27
CA GLY B 109 2.49 -5.16 -6.35
C GLY B 109 2.37 -3.80 -7.05
N ALA B 110 2.31 -3.81 -8.38
CA ALA B 110 2.26 -2.54 -9.13
C ALA B 110 0.97 -1.77 -8.83
N HIS B 111 1.09 -0.44 -8.82
CA HIS B 111 -0.07 0.45 -8.63
C HIS B 111 -0.80 0.81 -9.92
N ILE B 112 -2.05 1.21 -9.75
CA ILE B 112 -2.94 1.51 -10.88
C ILE B 112 -3.46 2.95 -10.72
N CYS B 113 -3.62 3.64 -11.86
CA CYS B 113 -4.15 5.00 -11.85
C CYS B 113 -5.35 5.11 -12.81
N ALA B 114 -5.98 6.29 -12.82
CA ALA B 114 -6.93 6.67 -13.85
C ALA B 114 -6.18 7.51 -14.89
N TRP B 115 -6.38 7.16 -16.15
CA TRP B 115 -5.68 7.81 -17.26
C TRP B 115 -6.60 7.84 -18.49
N LYS B 116 -6.41 8.85 -19.34
CA LYS B 116 -7.12 8.87 -20.61
C LYS B 116 -6.76 7.66 -21.46
N GLN B 117 -7.80 7.05 -22.05
CA GLN B 117 -7.59 5.84 -22.83
C GLN B 117 -6.65 6.13 -24.03
N HIS B 118 -5.62 5.30 -24.16
CA HIS B 118 -4.69 5.39 -25.32
C HIS B 118 -4.36 4.13 -26.07
N GLY B 119 -4.99 3.02 -25.72
CA GLY B 119 -4.78 1.79 -26.48
C GLY B 119 -3.60 0.92 -26.05
N GLY B 120 -2.84 1.37 -25.05
CA GLY B 120 -1.70 0.60 -24.55
C GLY B 120 -2.17 -0.63 -23.77
N PRO B 121 -1.36 -1.70 -23.76
CA PRO B 121 -1.75 -2.92 -23.05
C PRO B 121 -1.90 -2.76 -21.53
N ASN B 122 -1.26 -1.73 -20.96
CA ASN B 122 -1.37 -1.40 -19.55
C ASN B 122 -2.76 -0.85 -19.09
N GLN B 123 -3.66 -0.62 -20.05
CA GLN B 123 -5.04 -0.20 -19.79
C GLN B 123 -6.05 -1.27 -20.24
N LYS B 124 -5.56 -2.43 -20.66
CA LYS B 124 -6.38 -3.50 -21.21
C LYS B 124 -6.54 -4.66 -20.23
N PHE B 125 -7.80 -5.05 -20.04
CA PHE B 125 -8.16 -6.11 -19.08
C PHE B 125 -9.10 -7.16 -19.64
N ILE B 126 -8.91 -8.38 -19.18
CA ILE B 126 -9.76 -9.54 -19.51
C ILE B 126 -10.57 -9.83 -18.24
N ILE B 127 -11.86 -9.98 -18.43
CA ILE B 127 -12.79 -10.35 -17.37
C ILE B 127 -12.89 -11.88 -17.32
N GLU B 128 -12.47 -12.46 -16.20
CA GLU B 128 -12.44 -13.90 -16.05
C GLU B 128 -13.34 -14.40 -14.90
N SER B 129 -14.31 -15.26 -15.22
CA SER B 129 -15.23 -15.77 -14.21
C SER B 129 -14.48 -16.51 -13.09
N GLU B 130 -15.10 -16.52 -11.91
CA GLU B 130 -14.54 -17.12 -10.69
C GLU B 130 -14.15 -18.58 -10.86
C1 NGA C . -0.46 10.74 0.81
C2 NGA C . 0.17 11.04 2.17
C3 NGA C . 1.70 10.91 2.05
C4 NGA C . 2.05 9.52 1.53
C5 NGA C . 1.31 9.28 0.21
C6 NGA C . 1.58 7.93 -0.43
C7 NGA C . -1.28 12.70 3.25
C8 NGA C . -1.25 14.09 3.83
N2 NGA C . -0.17 12.38 2.56
O1 NGA C . -1.88 10.75 0.91
O3 NGA C . 2.31 11.15 3.32
O4 NGA C . 1.68 8.55 2.51
O5 NGA C . -0.10 9.42 0.45
O6 NGA C . 0.99 7.87 -1.74
O7 NGA C . -2.24 11.95 3.37
C1 NGA D . 18.93 -6.75 -1.87
C2 NGA D . 19.57 -5.77 -0.85
C3 NGA D . 18.91 -5.94 0.53
C4 NGA D . 17.38 -5.90 0.41
C5 NGA D . 16.90 -6.88 -0.65
C6 NGA D . 15.38 -6.90 -0.81
C7 NGA D . 21.89 -5.00 -0.69
C8 NGA D . 23.31 -5.44 -0.38
N2 NGA D . 21.00 -5.99 -0.77
O1 NGA D . 19.36 -6.43 -3.17
O3 NGA D . 19.45 -4.96 1.41
O4 NGA D . 16.86 -4.60 0.07
O5 NGA D . 17.52 -6.58 -1.91
O6 NGA D . 15.02 -8.11 -1.49
O7 NGA D . 21.62 -3.81 -0.84
CD CD E . 3.22 -0.04 -3.04
P PO4 F . 28.39 4.31 9.21
O1 PO4 F . 27.76 4.80 7.93
O2 PO4 F . 28.88 2.90 9.04
O3 PO4 F . 29.55 5.22 9.54
O4 PO4 F . 27.38 4.35 10.34
N1 IMD G . 4.86 -0.02 -4.66
C2 IMD G . 6.05 0.55 -4.45
N3 IMD G . 6.83 0.30 -5.55
C4 IMD G . 6.08 -0.42 -6.44
C5 IMD G . 4.85 -0.64 -5.84
C1 NGA H . -0.78 -10.80 0.42
C2 NGA H . -2.06 -11.22 -0.30
C3 NGA H . -1.91 -11.02 -1.82
C4 NGA H . -1.41 -9.61 -2.11
C5 NGA H . -0.13 -9.37 -1.31
C6 NGA H . 0.54 -8.04 -1.65
C7 NGA H . -3.16 -12.90 1.07
C8 NGA H . -3.98 -14.15 0.95
N2 NGA H . -2.42 -12.59 0.00
O1 NGA H . -0.94 -10.90 1.84
O3 NGA H . -3.17 -11.29 -2.45
O4 NGA H . -2.47 -8.64 -1.80
O5 NGA H . -0.45 -9.46 0.08
O6 NGA H . 1.77 -7.94 -0.89
O7 NGA H . -3.16 -12.20 2.09
C1 NGA I . 2.79 6.72 -18.73
C2 NGA I . 1.82 5.72 -19.40
C3 NGA I . 0.40 5.93 -18.87
C4 NGA I . 0.38 5.92 -17.32
C5 NGA I . 1.42 6.89 -16.76
C6 NGA I . 1.46 6.90 -15.24
C7 NGA I . 1.85 5.03 -21.78
C8 NGA I . 1.69 5.55 -23.19
N2 NGA I . 1.83 5.97 -20.83
O1 NGA I . 4.13 6.46 -19.12
O3 NGA I . -0.49 4.97 -19.48
O4 NGA I . 0.70 4.60 -16.87
O5 NGA I . 2.72 6.60 -17.30
O6 NGA I . 2.29 8.02 -14.80
O7 NGA I . 1.95 3.84 -21.55
P PO4 J . -7.70 -4.38 -29.08
O1 PO4 J . -7.63 -5.57 -30.01
O2 PO4 J . -9.01 -4.36 -28.35
O3 PO4 J . -6.57 -4.51 -28.06
O4 PO4 J . -7.58 -3.12 -29.89
P PO4 K . 6.94 -12.59 -11.69
O1 PO4 K . 6.14 -12.70 -12.97
O2 PO4 K . 6.46 -11.37 -10.96
O3 PO4 K . 8.41 -12.50 -12.02
O4 PO4 K . 6.71 -13.82 -10.85
#